data_5B35
#
_entry.id   5B35
#
_cell.length_a   46.200
_cell.length_b   103.000
_cell.length_c   128.700
_cell.angle_alpha   90.00
_cell.angle_beta   90.00
_cell.angle_gamma   90.00
#
_symmetry.space_group_name_H-M   'C 2 2 21'
#
loop_
_entity.id
_entity.type
_entity.pdbx_description
1 polymer Bacteriorhodopsin
2 non-polymer RETINAL
3 non-polymer (3R,5S,7R,8R,9S,10S,12S,13R,14S,17R)-10,13-dimethyl-17-[(2R)-pentan-2-yl]-2,3,4,5,6,7,8,9,11,12,14,15,16,17-tetradecahydro-1H-cyclopenta[a]phenanthrene-3,7,12-triol
4 non-polymer N-OCTANE
5 non-polymer DECANE
6 non-polymer DODECANE
7 non-polymer HEXADECANE
8 non-polymer HEPTANE
9 non-polymer nonane
10 water water
#
_entity_poly.entity_id   1
_entity_poly.type   'polypeptide(L)'
_entity_poly.pdbx_seq_one_letter_code
;QAQITGRPEWIWLALGTALMGLGTLYFLVKGMGVSDPDAKKFYAITTLVPAIAFTMYLSMLLGYGLTMVPFGGEQNPIYW
ARYADWLFTTPLLLLDLALLVDADQGTILALVGADGIMIGTGLVGALTKVYSYRFVWWAISTAAMLYILYVLFFGFTSKA
ESMRPEVASTFKVLRNVTVVLWSAYPVVWLIGSEGAGIVPLNIETLLFMVLDVSAKVGFGLILLRSRAIFGEAEAPEPSA
GDGAAATSD
;
_entity_poly.pdbx_strand_id   A
#
# COMPACT_ATOMS: atom_id res chain seq x y z
N GLY A 6 5.63 -23.34 -12.18
CA GLY A 6 7.00 -22.79 -11.89
C GLY A 6 7.21 -21.40 -12.50
N ARG A 7 7.35 -20.35 -11.69
CA ARG A 7 7.09 -20.33 -10.20
C ARG A 7 5.53 -20.44 -9.92
N PRO A 8 5.07 -21.21 -8.90
CA PRO A 8 3.58 -21.39 -8.69
C PRO A 8 2.70 -20.14 -8.43
N GLU A 9 3.34 -19.09 -7.93
CA GLU A 9 2.70 -17.81 -7.64
C GLU A 9 2.45 -16.95 -8.88
N TRP A 10 3.03 -17.31 -10.05
CA TRP A 10 2.81 -16.58 -11.33
C TRP A 10 1.34 -16.22 -11.59
N ILE A 11 0.40 -17.13 -11.37
CA ILE A 11 -1.03 -16.87 -11.69
C ILE A 11 -1.57 -15.60 -10.96
N TRP A 12 -1.07 -15.35 -9.73
CA TRP A 12 -1.53 -14.25 -8.90
C TRP A 12 -0.77 -12.97 -9.26
N LEU A 13 0.47 -13.12 -9.71
CA LEU A 13 1.24 -11.99 -10.26
C LEU A 13 0.62 -11.52 -11.59
N ALA A 14 0.17 -12.47 -12.41
CA ALA A 14 -0.56 -12.21 -13.64
C ALA A 14 -1.92 -11.56 -13.40
N LEU A 15 -2.68 -12.04 -12.41
CA LEU A 15 -3.98 -11.43 -12.04
C LEU A 15 -3.79 -10.04 -11.48
N GLY A 16 -2.77 -9.88 -10.64
CA GLY A 16 -2.48 -8.54 -10.08
C GLY A 16 -2.11 -7.50 -11.12
N THR A 17 -1.28 -7.94 -12.08
CA THR A 17 -0.86 -7.12 -13.24
C THR A 17 -2.06 -6.64 -14.04
N ALA A 18 -2.94 -7.57 -14.43
CA ALA A 18 -4.17 -7.27 -15.17
C ALA A 18 -5.01 -6.33 -14.38
N LEU A 19 -5.24 -6.63 -13.09
CA LEU A 19 -6.12 -5.75 -12.26
C LEU A 19 -5.55 -4.34 -12.02
N MET A 20 -4.24 -4.23 -11.76
CA MET A 20 -3.62 -2.92 -11.70
C MET A 20 -3.65 -2.16 -13.05
N GLY A 21 -3.44 -2.86 -14.16
CA GLY A 21 -3.41 -2.23 -15.49
C GLY A 21 -4.78 -1.66 -15.85
N LEU A 22 -5.81 -2.47 -15.64
CA LEU A 22 -7.20 -2.09 -15.78
C LEU A 22 -7.60 -0.89 -14.89
N GLY A 23 -7.32 -0.92 -13.56
CA GLY A 23 -7.55 0.24 -12.69
C GLY A 23 -6.87 1.54 -13.17
N THR A 24 -5.61 1.42 -13.57
CA THR A 24 -4.82 2.57 -14.12
C THR A 24 -5.52 3.15 -15.35
N LEU A 25 -5.87 2.27 -16.26
CA LEU A 25 -6.48 2.66 -17.51
C LEU A 25 -7.84 3.36 -17.28
N TYR A 26 -8.66 2.77 -16.43
CA TYR A 26 -9.94 3.36 -16.06
C TYR A 26 -9.83 4.74 -15.35
N PHE A 27 -8.90 4.84 -14.39
CA PHE A 27 -8.67 6.12 -13.69
C PHE A 27 -8.12 7.21 -14.62
N LEU A 28 -7.25 6.81 -15.56
CA LEU A 28 -6.70 7.70 -16.56
C LEU A 28 -7.81 8.18 -17.52
N VAL A 29 -8.66 7.29 -18.03
CA VAL A 29 -9.77 7.74 -18.90
C VAL A 29 -10.71 8.72 -18.20
N LYS A 30 -11.07 8.41 -16.95
CA LYS A 30 -11.95 9.31 -16.19
C LYS A 30 -11.24 10.61 -15.76
N GLY A 31 -10.00 10.50 -15.30
CA GLY A 31 -9.16 11.66 -14.98
C GLY A 31 -9.01 12.68 -16.11
N MET A 32 -8.82 12.18 -17.32
CA MET A 32 -8.62 13.04 -18.49
C MET A 32 -9.87 13.86 -18.85
N GLY A 33 -11.06 13.40 -18.49
CA GLY A 33 -12.27 14.10 -18.84
C GLY A 33 -12.86 15.00 -17.76
N VAL A 34 -12.06 15.42 -16.81
CA VAL A 34 -12.48 16.09 -15.61
C VAL A 34 -11.89 17.50 -15.73
N SER A 35 -12.70 18.53 -15.50
CA SER A 35 -12.27 19.94 -15.60
C SER A 35 -11.77 20.50 -14.26
N ASP A 36 -12.52 20.18 -13.21
CA ASP A 36 -12.33 20.73 -11.87
C ASP A 36 -10.85 20.61 -11.47
N PRO A 37 -10.17 21.74 -11.14
CA PRO A 37 -8.72 21.65 -10.84
C PRO A 37 -8.39 20.85 -9.57
N ASP A 38 -9.28 20.94 -8.58
CA ASP A 38 -9.17 20.14 -7.37
C ASP A 38 -9.35 18.64 -7.60
N ALA A 39 -10.40 18.26 -8.33
CA ALA A 39 -10.62 16.89 -8.74
C ALA A 39 -9.42 16.30 -9.50
N LYS A 40 -8.76 17.12 -10.31
CA LYS A 40 -7.60 16.70 -11.09
C LYS A 40 -6.35 16.27 -10.27
N LYS A 41 -6.04 16.96 -9.15
CA LYS A 41 -4.96 16.57 -8.23
C LYS A 41 -5.18 15.14 -7.71
N PHE A 42 -6.39 14.88 -7.22
CA PHE A 42 -6.81 13.60 -6.70
C PHE A 42 -6.72 12.49 -7.77
N TYR A 43 -7.14 12.78 -9.01
CA TYR A 43 -6.95 11.84 -10.13
C TYR A 43 -5.50 11.58 -10.47
N ALA A 44 -4.63 12.58 -10.41
CA ALA A 44 -3.25 12.38 -10.80
C ALA A 44 -2.59 11.49 -9.78
N ILE A 45 -2.72 11.84 -8.50
CA ILE A 45 -2.11 11.10 -7.39
C ILE A 45 -2.64 9.67 -7.40
N THR A 46 -3.96 9.50 -7.52
CA THR A 46 -4.61 8.18 -7.46
C THR A 46 -4.36 7.27 -8.69
N THR A 47 -4.14 7.84 -9.88
CA THR A 47 -3.84 7.06 -11.07
C THR A 47 -2.40 6.56 -11.00
N LEU A 48 -1.50 7.35 -10.43
CA LEU A 48 -0.08 6.94 -10.17
C LEU A 48 0.05 5.66 -9.32
N VAL A 49 -0.85 5.47 -8.37
CA VAL A 49 -0.81 4.34 -7.42
C VAL A 49 -0.95 2.97 -8.14
N PRO A 50 -2.04 2.71 -8.92
CA PRO A 50 -2.01 1.40 -9.64
C PRO A 50 -1.01 1.29 -10.78
N ALA A 51 -0.51 2.42 -11.29
CA ALA A 51 0.47 2.45 -12.36
C ALA A 51 1.84 1.94 -11.92
N ILE A 52 2.32 2.43 -10.76
CA ILE A 52 3.50 1.94 -10.04
C ILE A 52 3.36 0.47 -9.66
N ALA A 53 2.23 0.13 -9.03
CA ALA A 53 1.91 -1.27 -8.70
C ALA A 53 1.91 -2.21 -9.94
N PHE A 54 1.36 -1.75 -11.08
CA PHE A 54 1.39 -2.48 -12.37
C PHE A 54 2.81 -2.77 -12.84
N THR A 55 3.68 -1.78 -12.73
CA THR A 55 5.10 -1.89 -13.12
C THR A 55 5.84 -2.95 -12.30
N MET A 56 5.64 -2.91 -10.98
CA MET A 56 6.25 -3.83 -10.07
C MET A 56 5.67 -5.27 -10.19
N TYR A 57 4.36 -5.38 -10.47
CA TYR A 57 3.73 -6.68 -10.61
C TYR A 57 4.23 -7.37 -11.90
N LEU A 58 4.34 -6.59 -12.98
CA LEU A 58 4.84 -7.04 -14.29
C LEU A 58 6.30 -7.50 -14.19
N SER A 59 7.12 -6.72 -13.52
CA SER A 59 8.49 -7.10 -13.24
C SER A 59 8.59 -8.45 -12.54
N MET A 60 7.82 -8.62 -11.47
CA MET A 60 7.81 -9.83 -10.66
C MET A 60 7.31 -11.06 -11.43
N LEU A 61 6.21 -10.89 -12.17
CA LEU A 61 5.71 -11.86 -13.19
C LEU A 61 6.78 -12.39 -14.17
N LEU A 62 7.57 -11.48 -14.74
CA LEU A 62 8.64 -11.77 -15.70
C LEU A 62 9.93 -12.16 -14.99
N GLY A 63 9.87 -12.29 -13.66
CA GLY A 63 10.93 -12.88 -12.86
C GLY A 63 11.99 -11.90 -12.38
N TYR A 64 11.65 -10.62 -12.28
CA TYR A 64 12.55 -9.63 -11.64
C TYR A 64 12.09 -9.33 -10.20
N GLY A 65 12.98 -8.71 -9.43
CA GLY A 65 12.72 -8.34 -8.03
C GLY A 65 12.53 -9.50 -7.08
N LEU A 66 13.11 -10.65 -7.40
CA LEU A 66 13.18 -11.80 -6.50
C LEU A 66 14.68 -12.08 -6.17
N THR A 67 14.97 -12.27 -4.89
CA THR A 67 16.30 -12.64 -4.43
C THR A 67 16.10 -13.83 -3.51
N MET A 68 17.18 -14.55 -3.23
CA MET A 68 17.18 -15.66 -2.29
C MET A 68 17.89 -15.17 -1.03
N VAL A 69 17.23 -15.33 0.11
CA VAL A 69 17.83 -14.95 1.39
C VAL A 69 17.92 -16.21 2.28
N PRO A 70 19.16 -16.54 2.76
CA PRO A 70 19.28 -17.66 3.67
C PRO A 70 18.93 -17.25 5.12
N PHE A 71 18.05 -18.03 5.73
CA PHE A 71 17.74 -17.94 7.18
C PHE A 71 17.02 -19.24 7.55
N GLY A 72 17.06 -19.65 8.81
CA GLY A 72 16.37 -20.89 9.20
C GLY A 72 16.91 -22.13 8.50
N GLY A 73 18.17 -22.10 8.05
CA GLY A 73 18.82 -23.24 7.36
C GLY A 73 18.35 -23.58 5.95
N GLU A 74 17.58 -22.68 5.36
CA GLU A 74 17.06 -22.81 4.00
C GLU A 74 17.34 -21.54 3.24
N GLN A 75 17.23 -21.67 1.92
CA GLN A 75 17.42 -20.58 0.97
C GLN A 75 15.97 -20.14 0.60
N ASN A 76 15.59 -18.92 0.97
CA ASN A 76 14.19 -18.48 0.89
C ASN A 76 13.96 -17.46 -0.17
N PRO A 77 12.97 -17.68 -1.06
CA PRO A 77 12.64 -16.68 -2.07
C PRO A 77 11.95 -15.47 -1.42
N ILE A 78 12.59 -14.32 -1.58
CA ILE A 78 12.08 -13.02 -1.13
C ILE A 78 11.87 -12.08 -2.34
N TYR A 79 10.59 -11.73 -2.61
CA TYR A 79 10.21 -10.70 -3.57
C TYR A 79 10.43 -9.32 -2.96
N TRP A 80 11.51 -8.67 -3.35
CA TRP A 80 11.90 -7.38 -2.80
C TRP A 80 11.26 -6.25 -3.59
N ALA A 81 10.85 -6.49 -4.83
CA ALA A 81 10.22 -5.44 -5.65
C ALA A 81 8.88 -4.91 -5.10
N ARG A 82 8.17 -5.70 -4.27
CA ARG A 82 7.04 -5.21 -3.43
C ARG A 82 7.35 -3.89 -2.69
N TYR A 83 8.53 -3.82 -2.09
CA TYR A 83 8.94 -2.68 -1.29
C TYR A 83 9.24 -1.43 -2.17
N ALA A 84 9.76 -1.62 -3.39
CA ALA A 84 9.99 -0.48 -4.33
C ALA A 84 8.65 0.12 -4.72
N ASP A 85 7.68 -0.76 -4.96
CA ASP A 85 6.26 -0.38 -5.13
C ASP A 85 5.73 0.40 -3.90
N TRP A 86 5.76 -0.23 -2.72
CA TRP A 86 5.11 0.32 -1.53
C TRP A 86 5.77 1.59 -1.11
N LEU A 87 7.10 1.66 -1.27
CA LEU A 87 7.87 2.89 -0.99
C LEU A 87 7.20 4.14 -1.58
N PHE A 88 6.68 4.02 -2.79
CA PHE A 88 6.07 5.16 -3.51
C PHE A 88 4.56 5.17 -3.50
N THR A 89 3.91 4.01 -3.46
CA THR A 89 2.44 3.97 -3.45
C THR A 89 1.82 4.28 -2.11
N THR A 90 2.46 3.84 -1.03
CA THR A 90 1.95 4.12 0.32
C THR A 90 1.90 5.61 0.70
N PRO A 91 3.00 6.40 0.44
CA PRO A 91 2.82 7.83 0.73
C PRO A 91 1.86 8.55 -0.23
N LEU A 92 1.72 8.06 -1.46
CA LEU A 92 0.73 8.67 -2.35
C LEU A 92 -0.72 8.44 -1.85
N LEU A 93 -1.03 7.26 -1.32
CA LEU A 93 -2.37 7.02 -0.72
C LEU A 93 -2.56 7.92 0.53
N LEU A 94 -1.51 8.02 1.35
CA LEU A 94 -1.54 8.91 2.53
C LEU A 94 -1.80 10.35 2.09
N LEU A 95 -1.16 10.79 0.99
CA LEU A 95 -1.34 12.14 0.44
C LEU A 95 -2.81 12.41 0.06
N ASP A 96 -3.44 11.45 -0.63
CA ASP A 96 -4.89 11.53 -0.90
C ASP A 96 -5.72 11.82 0.34
N LEU A 97 -5.45 11.08 1.41
CA LEU A 97 -6.18 11.24 2.64
C LEU A 97 -5.92 12.60 3.28
N ALA A 98 -4.65 13.03 3.26
CA ALA A 98 -4.20 14.33 3.79
C ALA A 98 -4.76 15.53 3.00
N LEU A 99 -4.86 15.44 1.67
CA LEU A 99 -5.45 16.52 0.88
C LEU A 99 -6.93 16.65 1.11
N LEU A 100 -7.60 15.53 1.35
CA LEU A 100 -9.04 15.50 1.66
C LEU A 100 -9.45 16.25 2.98
N VAL A 101 -8.57 16.28 3.98
CA VAL A 101 -8.81 16.87 5.30
C VAL A 101 -7.98 18.15 5.56
N ASP A 102 -7.30 18.67 4.52
CA ASP A 102 -6.14 19.61 4.62
C ASP A 102 -5.31 19.39 5.83
N ALA A 103 -4.63 18.26 5.90
CA ALA A 103 -3.69 18.09 6.96
C ALA A 103 -2.65 19.16 6.65
N ASP A 104 -1.97 19.59 7.69
CA ASP A 104 -0.91 20.56 7.47
C ASP A 104 0.42 19.89 7.15
N GLN A 105 1.33 20.73 6.71
CA GLN A 105 2.60 20.36 6.17
C GLN A 105 3.42 19.43 7.07
N GLY A 106 3.47 19.73 8.36
CA GLY A 106 4.31 18.97 9.31
C GLY A 106 3.76 17.59 9.63
N THR A 107 2.43 17.47 9.68
CA THR A 107 1.71 16.18 9.75
C THR A 107 2.00 15.30 8.53
N ILE A 108 1.88 15.87 7.32
CA ILE A 108 2.19 15.16 6.06
C ILE A 108 3.63 14.68 6.04
N LEU A 109 4.56 15.54 6.48
CA LEU A 109 5.97 15.20 6.56
C LEU A 109 6.23 14.04 7.54
N ALA A 110 5.66 14.13 8.75
CA ALA A 110 5.70 13.07 9.78
C ALA A 110 5.24 11.72 9.27
N LEU A 111 4.08 11.73 8.59
CA LEU A 111 3.43 10.53 8.07
C LEU A 111 4.22 9.87 6.95
N VAL A 112 4.72 10.70 6.02
CA VAL A 112 5.55 10.25 4.88
C VAL A 112 6.86 9.71 5.43
N GLY A 113 7.44 10.45 6.37
CA GLY A 113 8.62 9.98 7.09
C GLY A 113 8.48 8.66 7.84
N ALA A 114 7.43 8.54 8.67
CA ALA A 114 7.06 7.27 9.33
C ALA A 114 6.86 6.16 8.30
N ASP A 115 6.12 6.49 7.23
CA ASP A 115 5.89 5.59 6.07
C ASP A 115 7.19 5.03 5.43
N GLY A 116 8.19 5.88 5.24
CA GLY A 116 9.54 5.46 4.80
C GLY A 116 10.25 4.53 5.75
N ILE A 117 10.22 4.84 7.05
CA ILE A 117 10.73 3.94 8.09
C ILE A 117 10.02 2.59 8.04
N MET A 118 8.68 2.61 7.97
CA MET A 118 7.87 1.37 7.84
C MET A 118 8.27 0.50 6.66
N ILE A 119 8.37 1.10 5.46
CA ILE A 119 8.71 0.35 4.26
C ILE A 119 10.19 -0.04 4.26
N GLY A 120 11.05 0.88 4.70
CA GLY A 120 12.47 0.60 4.76
C GLY A 120 12.91 -0.44 5.78
N THR A 121 12.36 -0.37 7.00
CA THR A 121 12.68 -1.38 8.02
C THR A 121 12.08 -2.74 7.61
N GLY A 122 10.89 -2.71 7.00
CA GLY A 122 10.25 -3.91 6.40
C GLY A 122 11.15 -4.64 5.45
N LEU A 123 11.81 -3.86 4.57
CA LEU A 123 12.73 -4.36 3.54
C LEU A 123 14.01 -4.94 4.20
N VAL A 124 14.61 -4.19 5.10
CA VAL A 124 15.77 -4.68 5.87
C VAL A 124 15.44 -6.04 6.51
N GLY A 125 14.30 -6.14 7.21
CA GLY A 125 13.79 -7.39 7.81
C GLY A 125 13.62 -8.54 6.81
N ALA A 126 13.08 -8.22 5.63
CA ALA A 126 12.94 -9.22 4.55
C ALA A 126 14.29 -9.80 4.09
N LEU A 127 15.39 -9.05 4.28
CA LEU A 127 16.70 -9.43 3.73
C LEU A 127 17.72 -9.88 4.79
N THR A 128 17.32 -9.79 6.06
CA THR A 128 18.14 -10.16 7.20
C THR A 128 18.33 -11.68 7.27
N LYS A 129 19.59 -12.07 7.49
CA LYS A 129 20.00 -13.47 7.46
C LYS A 129 19.90 -14.14 8.84
N VAL A 130 19.95 -13.36 9.92
CA VAL A 130 19.72 -13.91 11.26
C VAL A 130 18.21 -13.96 11.50
N TYR A 131 17.64 -15.17 11.62
CA TYR A 131 16.18 -15.39 11.66
C TYR A 131 15.48 -14.47 12.67
N SER A 132 16.08 -14.44 13.85
CA SER A 132 15.62 -13.66 14.98
C SER A 132 15.61 -12.09 14.78
N TYR A 133 16.63 -11.52 14.12
CA TYR A 133 16.63 -10.07 13.88
C TYR A 133 15.62 -9.65 12.80
N ARG A 134 15.28 -10.53 11.86
CA ARG A 134 14.14 -10.34 10.92
C ARG A 134 12.91 -9.76 11.59
N PHE A 135 12.57 -10.34 12.75
CA PHE A 135 11.40 -9.98 13.57
C PHE A 135 11.60 -8.67 14.36
N VAL A 136 12.85 -8.33 14.75
CA VAL A 136 13.15 -7.02 15.34
C VAL A 136 12.74 -5.91 14.34
N TRP A 137 13.18 -6.07 13.09
CA TRP A 137 12.87 -5.13 11.99
C TRP A 137 11.37 -5.03 11.68
N TRP A 138 10.74 -6.20 11.58
CA TRP A 138 9.29 -6.32 11.49
C TRP A 138 8.57 -5.49 12.57
N ALA A 139 9.02 -5.62 13.83
CA ALA A 139 8.46 -4.89 15.00
C ALA A 139 8.61 -3.36 14.88
N ILE A 140 9.77 -2.88 14.43
CA ILE A 140 9.98 -1.45 14.21
C ILE A 140 9.07 -0.98 13.07
N SER A 141 8.97 -1.81 12.01
CA SER A 141 8.11 -1.48 10.86
C SER A 141 6.62 -1.34 11.24
N THR A 142 6.11 -2.29 12.03
CA THR A 142 4.73 -2.29 12.55
C THR A 142 4.48 -1.11 13.50
N ALA A 143 5.40 -0.82 14.41
CA ALA A 143 5.28 0.35 15.26
C ALA A 143 5.15 1.61 14.38
N ALA A 144 6.03 1.84 13.40
CA ALA A 144 5.86 2.97 12.44
C ALA A 144 4.45 2.98 11.82
N MET A 145 3.97 1.82 11.37
CA MET A 145 2.61 1.64 10.83
C MET A 145 1.52 2.06 11.82
N LEU A 146 1.69 1.73 13.10
CA LEU A 146 0.70 2.03 14.12
C LEU A 146 0.65 3.53 14.39
N TYR A 147 1.81 4.19 14.40
CA TYR A 147 1.88 5.69 14.46
C TYR A 147 1.00 6.30 13.33
N ILE A 148 1.14 5.78 12.11
CA ILE A 148 0.34 6.22 10.94
C ILE A 148 -1.17 6.02 11.14
N LEU A 149 -1.58 4.81 11.45
CA LEU A 149 -3.00 4.48 11.78
C LEU A 149 -3.56 5.37 12.88
N TYR A 150 -2.78 5.58 13.94
CA TYR A 150 -3.15 6.50 15.03
C TYR A 150 -3.49 7.92 14.54
N VAL A 151 -2.61 8.49 13.73
CA VAL A 151 -2.78 9.82 13.18
C VAL A 151 -3.99 9.83 12.25
N LEU A 152 -4.12 8.83 11.39
CA LEU A 152 -5.30 8.73 10.47
C LEU A 152 -6.60 8.65 11.23
N PHE A 153 -6.61 7.89 12.34
CA PHE A 153 -7.83 7.66 13.10
C PHE A 153 -8.21 8.82 14.02
N PHE A 154 -7.26 9.24 14.83
CA PHE A 154 -7.50 10.34 15.73
C PHE A 154 -7.29 11.70 15.04
N GLY A 155 -6.12 11.93 14.44
CA GLY A 155 -5.81 13.25 13.91
C GLY A 155 -6.66 13.72 12.75
N PHE A 156 -6.61 12.96 11.67
CA PHE A 156 -7.32 13.27 10.41
C PHE A 156 -8.84 13.30 10.59
N THR A 157 -9.38 12.40 11.40
CA THR A 157 -10.82 12.34 11.63
C THR A 157 -11.31 13.65 12.25
N SER A 158 -10.53 14.17 13.19
CA SER A 158 -10.80 15.48 13.78
C SER A 158 -10.80 16.57 12.69
N LYS A 159 -9.72 16.65 11.90
CA LYS A 159 -9.62 17.58 10.77
C LYS A 159 -10.80 17.48 9.79
N ALA A 160 -11.22 16.25 9.49
CA ALA A 160 -12.32 15.99 8.54
C ALA A 160 -13.66 16.45 9.04
N GLU A 161 -13.83 16.48 10.39
CA GLU A 161 -15.08 16.95 11.04
C GLU A 161 -15.31 18.46 10.83
N SER A 162 -14.27 19.22 10.51
CA SER A 162 -14.45 20.62 10.13
C SER A 162 -14.86 20.82 8.63
N MET A 163 -14.88 19.74 7.88
CA MET A 163 -15.18 19.80 6.46
C MET A 163 -16.67 19.59 6.30
N ARG A 164 -17.22 19.72 5.09
CA ARG A 164 -18.65 19.46 4.85
C ARG A 164 -18.86 17.96 5.03
N PRO A 165 -20.07 17.56 5.47
CA PRO A 165 -20.36 16.16 5.79
C PRO A 165 -20.03 15.10 4.71
N GLU A 166 -20.21 15.49 3.44
CA GLU A 166 -19.90 14.65 2.29
C GLU A 166 -18.40 14.31 2.24
N VAL A 167 -17.55 15.29 2.55
CA VAL A 167 -16.09 15.10 2.66
C VAL A 167 -15.71 14.23 3.87
N ALA A 168 -16.30 14.51 5.04
CA ALA A 168 -16.04 13.75 6.29
C ALA A 168 -16.49 12.29 6.11
N SER A 169 -17.64 12.10 5.45
CA SER A 169 -18.22 10.79 5.16
C SER A 169 -17.28 9.92 4.34
N THR A 170 -16.84 10.49 3.21
CA THR A 170 -15.89 9.90 2.31
C THR A 170 -14.58 9.64 3.02
N PHE A 171 -14.08 10.60 3.82
CA PHE A 171 -12.89 10.36 4.64
C PHE A 171 -13.06 9.11 5.54
N LYS A 172 -14.18 9.02 6.25
CA LYS A 172 -14.41 7.91 7.19
C LYS A 172 -14.32 6.59 6.51
N VAL A 173 -14.95 6.48 5.32
CA VAL A 173 -14.96 5.21 4.56
C VAL A 173 -13.54 4.81 4.16
N LEU A 174 -12.77 5.79 3.67
CA LEU A 174 -11.39 5.56 3.22
C LEU A 174 -10.44 5.29 4.37
N ARG A 175 -10.63 6.01 5.48
CA ARG A 175 -9.92 5.75 6.73
C ARG A 175 -10.14 4.30 7.23
N ASN A 176 -11.37 3.81 7.14
CA ASN A 176 -11.74 2.45 7.59
C ASN A 176 -11.16 1.33 6.78
N VAL A 177 -11.31 1.49 5.50
CA VAL A 177 -10.70 0.65 4.45
C VAL A 177 -9.18 0.53 4.73
N THR A 178 -8.52 1.67 4.87
CA THR A 178 -7.09 1.80 5.16
C THR A 178 -6.65 1.11 6.47
N VAL A 179 -7.33 1.41 7.58
CA VAL A 179 -7.05 0.74 8.86
C VAL A 179 -7.21 -0.77 8.70
N VAL A 180 -8.30 -1.23 8.08
CA VAL A 180 -8.55 -2.66 7.98
C VAL A 180 -7.52 -3.33 7.08
N LEU A 181 -7.31 -2.76 5.87
CA LEU A 181 -6.31 -3.35 4.91
C LEU A 181 -4.82 -3.27 5.34
N TRP A 182 -4.38 -2.15 5.92
CA TRP A 182 -2.95 -1.98 6.28
C TRP A 182 -2.57 -2.88 7.44
N SER A 183 -3.48 -2.97 8.43
CA SER A 183 -3.42 -3.94 9.53
C SER A 183 -3.03 -5.34 9.18
N ALA A 184 -3.58 -5.83 8.08
CA ALA A 184 -3.39 -7.21 7.66
C ALA A 184 -1.97 -7.47 7.12
N TYR A 185 -1.33 -6.46 6.52
CA TYR A 185 0.03 -6.62 5.92
C TYR A 185 1.04 -7.21 6.88
N PRO A 186 1.17 -6.63 8.12
CA PRO A 186 2.22 -7.20 8.96
C PRO A 186 1.92 -8.65 9.36
N VAL A 187 0.63 -9.05 9.38
CA VAL A 187 0.23 -10.42 9.74
C VAL A 187 0.63 -11.39 8.63
N VAL A 188 0.31 -11.03 7.39
CA VAL A 188 0.74 -11.79 6.23
C VAL A 188 2.28 -11.98 6.24
N TRP A 189 3.01 -10.90 6.44
CA TRP A 189 4.47 -10.98 6.45
C TRP A 189 4.91 -11.95 7.56
N LEU A 190 4.36 -11.78 8.77
CA LEU A 190 4.70 -12.64 9.95
C LEU A 190 4.55 -14.17 9.70
N ILE A 191 3.44 -14.55 9.05
CA ILE A 191 3.10 -15.95 8.91
C ILE A 191 3.54 -16.51 7.59
N GLY A 192 3.92 -15.63 6.67
CA GLY A 192 4.29 -16.01 5.34
C GLY A 192 5.75 -16.33 5.18
N SER A 193 6.18 -16.43 3.92
CA SER A 193 7.55 -16.83 3.57
C SER A 193 8.64 -15.88 4.10
N GLU A 194 8.30 -14.63 4.42
CA GLU A 194 9.27 -13.68 5.01
C GLU A 194 9.59 -13.88 6.49
N GLY A 195 8.64 -14.47 7.21
CA GLY A 195 8.71 -14.70 8.65
C GLY A 195 8.65 -16.17 9.03
N ALA A 196 7.54 -16.59 9.64
CA ALA A 196 7.44 -17.90 10.22
C ALA A 196 7.44 -19.02 9.18
N GLY A 197 7.02 -18.75 7.95
CA GLY A 197 7.07 -19.75 6.87
C GLY A 197 5.92 -20.73 6.90
N ILE A 198 4.80 -20.35 7.50
CA ILE A 198 3.65 -21.22 7.72
C ILE A 198 2.83 -21.22 6.45
N VAL A 199 2.55 -20.03 5.91
CA VAL A 199 1.77 -19.84 4.69
C VAL A 199 2.78 -19.86 3.55
N PRO A 200 2.66 -20.81 2.61
CA PRO A 200 3.65 -20.84 1.50
C PRO A 200 3.46 -19.68 0.54
N LEU A 201 4.50 -19.47 -0.24
CA LEU A 201 4.63 -18.31 -1.10
C LEU A 201 3.44 -18.10 -2.08
N ASN A 202 2.91 -19.15 -2.69
CA ASN A 202 1.74 -19.01 -3.57
C ASN A 202 0.48 -18.45 -2.92
N ILE A 203 0.16 -18.94 -1.71
CA ILE A 203 -0.99 -18.41 -0.96
C ILE A 203 -0.69 -16.97 -0.49
N GLU A 204 0.52 -16.72 -0.01
CA GLU A 204 0.95 -15.38 0.42
C GLU A 204 0.83 -14.28 -0.67
N THR A 205 1.17 -14.66 -1.90
CA THR A 205 1.14 -13.81 -3.08
C THR A 205 -0.30 -13.50 -3.42
N LEU A 206 -1.17 -14.53 -3.40
CA LEU A 206 -2.62 -14.37 -3.48
C LEU A 206 -3.08 -13.32 -2.46
N LEU A 207 -2.69 -13.47 -1.20
CA LEU A 207 -3.12 -12.55 -0.13
C LEU A 207 -2.66 -11.10 -0.34
N PHE A 208 -1.37 -10.90 -0.66
CA PHE A 208 -0.84 -9.56 -0.94
C PHE A 208 -1.52 -8.96 -2.19
N MET A 209 -1.79 -9.79 -3.20
CA MET A 209 -2.55 -9.35 -4.38
C MET A 209 -3.95 -8.85 -4.04
N VAL A 210 -4.67 -9.60 -3.21
CA VAL A 210 -6.03 -9.21 -2.76
C VAL A 210 -5.97 -7.89 -1.95
N LEU A 211 -4.98 -7.81 -1.06
CA LEU A 211 -4.74 -6.61 -0.26
C LEU A 211 -4.34 -5.39 -1.14
N ASP A 212 -3.40 -5.58 -2.07
CA ASP A 212 -2.92 -4.48 -2.98
C ASP A 212 -4.02 -3.92 -3.90
N VAL A 213 -4.69 -4.80 -4.64
CA VAL A 213 -5.86 -4.41 -5.45
C VAL A 213 -6.94 -3.68 -4.60
N SER A 214 -7.21 -4.18 -3.39
CA SER A 214 -8.21 -3.51 -2.54
C SER A 214 -7.74 -2.16 -2.01
N ALA A 215 -6.47 -2.07 -1.55
CA ALA A 215 -5.88 -0.87 -0.94
C ALA A 215 -5.57 0.23 -1.98
N LYS A 216 -5.47 -0.14 -3.27
CA LYS A 216 -5.16 0.78 -4.35
C LYS A 216 -6.36 1.01 -5.27
N VAL A 217 -6.79 0.00 -6.02
CA VAL A 217 -7.98 0.13 -6.90
C VAL A 217 -9.30 0.30 -6.15
N GLY A 218 -9.54 -0.51 -5.10
CA GLY A 218 -10.75 -0.36 -4.30
C GLY A 218 -10.86 1.03 -3.66
N PHE A 219 -9.77 1.42 -3.00
CA PHE A 219 -9.57 2.78 -2.48
C PHE A 219 -9.84 3.86 -3.54
N GLY A 220 -9.17 3.76 -4.70
CA GLY A 220 -9.35 4.67 -5.84
C GLY A 220 -10.79 4.81 -6.31
N LEU A 221 -11.48 3.68 -6.49
CA LEU A 221 -12.91 3.68 -6.87
C LEU A 221 -13.82 4.41 -5.87
N ILE A 222 -13.60 4.23 -4.57
CA ILE A 222 -14.36 4.98 -3.58
C ILE A 222 -14.09 6.52 -3.64
N LEU A 223 -12.80 6.90 -3.72
CA LEU A 223 -12.39 8.30 -3.71
C LEU A 223 -12.80 9.01 -4.99
N LEU A 224 -12.49 8.39 -6.11
CA LEU A 224 -12.74 8.99 -7.41
C LEU A 224 -14.22 9.05 -7.87
N ARG A 225 -15.09 8.19 -7.33
CA ARG A 225 -16.52 8.23 -7.61
C ARG A 225 -17.25 9.13 -6.69
N SER A 226 -16.56 9.77 -5.75
CA SER A 226 -17.26 10.61 -4.80
C SER A 226 -17.30 12.09 -5.19
N ARG A 227 -18.25 12.81 -4.59
CA ARG A 227 -18.43 14.24 -4.79
C ARG A 227 -17.39 15.07 -4.01
N ALA A 228 -16.66 14.43 -3.09
CA ALA A 228 -15.78 15.10 -2.10
C ALA A 228 -14.47 15.67 -2.65
N ILE A 229 -14.05 15.20 -3.83
CA ILE A 229 -12.87 15.69 -4.59
C ILE A 229 -13.21 16.88 -5.50
N PHE A 230 -14.52 17.17 -5.68
CA PHE A 230 -15.01 18.38 -6.40
C PHE A 230 -15.45 19.40 -5.36
#